data_1HAX
#
_entry.id   1HAX
#
_cell.length_a   50.320
_cell.length_b   58.220
_cell.length_c   74.410
_cell.angle_alpha   90.00
_cell.angle_beta   90.00
_cell.angle_gamma   90.00
#
_symmetry.space_group_name_H-M   'P 21 21 21'
#
loop_
_entity.id
_entity.type
_entity.pdbx_description
1 polymer BETA-CASOMORPHIN-7
2 polymer 'ELASTASE 1'
3 non-polymer 'CALCIUM ION'
4 non-polymer 'SULFATE ION'
5 water water
#
loop_
_entity_poly.entity_id
_entity_poly.type
_entity_poly.pdbx_seq_one_letter_code
_entity_poly.pdbx_strand_id
1 'polypeptide(L)' VEPI A
2 'polypeptide(L)'
;VVGGTEAQRNSWPSQISLQYRSGSSWAHTCGGTLIRQNWVMTAAHCVDRELTFRVVVGEHNLNQNNGTEQYVGVQKIVVH
PYWNTDDVAAGYDIALLRLAQSVTLNSYVQLGVLPRAGTILRNNSPCYITGWGLTRTNGQLAQTLQQAYLPTVDYAICSS
SSYWGSTVKNSMVCAGGDGVRSGCQGDSGGPLHCLVNGQYAVHGVTSFVSRLGCNVTRKPTVFTRVSAYISWINNVIASN
;
B
#
loop_
_chem_comp.id
_chem_comp.type
_chem_comp.name
_chem_comp.formula
CA non-polymer 'CALCIUM ION' 'Ca 2'
SO4 non-polymer 'SULFATE ION' 'O4 S -2'
#
# COMPACT_ATOMS: atom_id res chain seq x y z
N VAL A 1 -12.02 8.36 9.97
CA VAL A 1 -11.15 7.20 9.61
C VAL A 1 -9.71 7.41 10.08
N GLU A 2 -8.96 6.31 10.16
CA GLU A 2 -7.57 6.37 10.59
C GLU A 2 -6.64 5.99 9.45
N PRO A 3 -5.86 6.96 8.93
CA PRO A 3 -4.95 6.62 7.84
C PRO A 3 -3.91 5.62 8.36
N ILE A 4 -3.60 4.60 7.58
CA ILE A 4 -2.61 3.62 8.00
C ILE A 4 -1.45 3.43 7.07
N VAL B 1 0.23 -5.22 9.54
CA VAL B 1 -0.80 -6.24 9.21
C VAL B 1 -1.22 -7.01 10.45
N VAL B 2 -2.51 -6.97 10.76
CA VAL B 2 -3.04 -7.69 11.91
C VAL B 2 -3.53 -9.05 11.39
N GLY B 3 -3.20 -10.10 12.13
CA GLY B 3 -3.63 -11.44 11.73
C GLY B 3 -2.96 -11.97 10.48
N GLY B 4 -1.73 -11.56 10.23
CA GLY B 4 -1.03 -12.02 9.06
C GLY B 4 -0.10 -13.18 9.36
N THR B 5 0.61 -13.61 8.33
CA THR B 5 1.59 -14.68 8.43
C THR B 5 2.84 -14.13 7.77
N GLU B 6 4.01 -14.66 8.11
CA GLU B 6 5.23 -14.16 7.51
C GLU B 6 5.28 -14.55 6.03
N ALA B 7 5.53 -13.57 5.17
CA ALA B 7 5.62 -13.84 3.75
C ALA B 7 6.96 -14.49 3.42
N GLN B 8 6.99 -15.30 2.36
CA GLN B 8 8.23 -15.91 1.92
C GLN B 8 9.00 -14.71 1.35
N ARG B 9 10.31 -14.68 1.50
CA ARG B 9 11.07 -13.52 1.03
C ARG B 9 11.05 -13.20 -0.47
N ASN B 10 10.54 -14.11 -1.29
CA ASN B 10 10.49 -13.86 -2.73
C ASN B 10 9.07 -13.88 -3.30
N SER B 11 8.08 -13.76 -2.42
CA SER B 11 6.68 -13.78 -2.85
C SER B 11 6.17 -12.47 -3.44
N TRP B 12 6.55 -11.35 -2.81
CA TRP B 12 6.08 -10.04 -3.24
C TRP B 12 7.25 -9.10 -3.51
N PRO B 13 8.01 -9.35 -4.59
CA PRO B 13 9.18 -8.54 -4.97
C PRO B 13 8.95 -7.07 -5.34
N SER B 14 7.69 -6.66 -5.49
CA SER B 14 7.42 -5.27 -5.82
C SER B 14 7.18 -4.44 -4.57
N GLN B 15 7.10 -5.10 -3.41
CA GLN B 15 6.88 -4.41 -2.14
C GLN B 15 8.14 -3.65 -1.72
N ILE B 16 7.97 -2.40 -1.32
CA ILE B 16 9.10 -1.61 -0.84
C ILE B 16 8.78 -1.02 0.53
N SER B 17 9.83 -0.63 1.24
CA SER B 17 9.68 0.01 2.54
C SER B 17 10.05 1.47 2.35
N LEU B 18 9.12 2.35 2.67
CA LEU B 18 9.36 3.79 2.57
C LEU B 18 9.78 4.22 3.97
N GLN B 19 10.97 4.80 4.07
CA GLN B 19 11.50 5.22 5.36
C GLN B 19 11.89 6.68 5.37
N TYR B 20 11.91 7.28 6.56
CA TYR B 20 12.30 8.68 6.69
C TYR B 20 13.46 8.77 7.66
N ARG B 21 14.31 9.78 7.47
CA ARG B 21 15.45 9.94 8.35
C ARG B 21 15.01 10.50 9.69
N SER B 22 15.44 9.83 10.75
CA SER B 22 15.11 10.22 12.11
C SER B 22 16.40 10.20 12.91
N GLY B 23 16.97 11.39 13.15
CA GLY B 23 18.21 11.46 13.89
C GLY B 23 19.35 10.92 13.06
N SER B 24 20.01 9.88 13.56
CA SER B 24 21.13 9.27 12.86
C SER B 24 20.72 7.95 12.21
N SER B 25 19.42 7.66 12.22
CA SER B 25 18.92 6.43 11.63
C SER B 25 17.72 6.64 10.71
N TRP B 26 17.18 5.54 10.21
CA TRP B 26 16.02 5.58 9.33
C TRP B 26 14.89 4.79 9.97
N ALA B 27 13.66 5.27 9.79
CA ALA B 27 12.51 4.61 10.36
C ALA B 27 11.47 4.27 9.29
N HIS B 28 10.99 3.03 9.31
CA HIS B 28 9.98 2.61 8.36
C HIS B 28 8.69 3.36 8.69
N THR B 29 8.04 3.93 7.68
CA THR B 29 6.78 4.64 7.92
C THR B 29 5.64 4.13 7.07
N CYS B 30 5.94 3.65 5.87
CA CYS B 30 4.90 3.17 4.96
C CYS B 30 5.41 2.13 3.98
N GLY B 31 4.47 1.58 3.22
CA GLY B 31 4.82 0.63 2.19
C GLY B 31 4.70 1.35 0.85
N GLY B 32 4.97 0.62 -0.21
CA GLY B 32 4.89 1.18 -1.55
C GLY B 32 5.05 0.06 -2.55
N THR B 33 4.82 0.36 -3.82
CA THR B 33 4.95 -0.64 -4.88
C THR B 33 5.90 -0.11 -5.95
N LEU B 34 6.91 -0.90 -6.29
CA LEU B 34 7.84 -0.50 -7.33
C LEU B 34 7.10 -0.69 -8.66
N ILE B 35 6.92 0.37 -9.44
CA ILE B 35 6.21 0.23 -10.72
C ILE B 35 7.10 0.45 -11.94
N ARG B 36 8.26 1.06 -11.71
CA ARG B 36 9.27 1.29 -12.75
C ARG B 36 10.59 1.15 -11.99
N GLN B 37 11.69 0.92 -12.69
CA GLN B 37 12.97 0.78 -12.01
C GLN B 37 13.30 2.03 -11.20
N ASN B 38 12.70 3.16 -11.57
CA ASN B 38 12.95 4.42 -10.87
C ASN B 38 11.68 5.12 -10.40
N TRP B 39 10.59 4.37 -10.26
CA TRP B 39 9.33 4.95 -9.77
C TRP B 39 8.62 4.03 -8.78
N VAL B 40 8.13 4.62 -7.70
CA VAL B 40 7.40 3.89 -6.67
C VAL B 40 6.03 4.52 -6.47
N MET B 41 5.01 3.68 -6.33
CA MET B 41 3.65 4.11 -6.11
C MET B 41 3.34 3.93 -4.62
N THR B 42 2.87 4.98 -3.97
CA THR B 42 2.54 4.90 -2.55
C THR B 42 1.30 5.75 -2.25
N ALA B 43 0.99 5.94 -0.98
CA ALA B 43 -0.16 6.75 -0.59
C ALA B 43 0.27 8.20 -0.40
N ALA B 44 -0.59 9.13 -0.78
CA ALA B 44 -0.27 10.54 -0.63
C ALA B 44 -0.06 10.92 0.84
N HIS B 45 -0.87 10.35 1.74
CA HIS B 45 -0.75 10.71 3.15
C HIS B 45 0.57 10.25 3.77
N CYS B 46 1.28 9.38 3.08
CA CYS B 46 2.57 8.88 3.57
C CYS B 46 3.68 9.89 3.33
N VAL B 47 3.50 10.75 2.34
CA VAL B 47 4.52 11.72 1.99
C VAL B 47 4.12 13.18 2.01
N ASP B 48 3.04 13.52 2.70
CA ASP B 48 2.64 14.91 2.75
C ASP B 48 3.24 15.59 3.98
N ARG B 49 4.33 15.01 4.48
CA ARG B 49 5.07 15.53 5.63
C ARG B 49 6.44 15.98 5.13
N GLU B 50 7.00 17.00 5.78
CA GLU B 50 8.29 17.54 5.39
C GLU B 50 9.47 16.72 5.91
N LEU B 51 9.61 15.50 5.42
CA LEU B 51 10.68 14.62 5.85
C LEU B 51 11.58 14.22 4.69
N THR B 52 12.72 13.61 5.01
CA THR B 52 13.64 13.12 3.99
C THR B 52 13.31 11.64 3.87
N PHE B 53 12.95 11.21 2.66
CA PHE B 53 12.58 9.82 2.46
C PHE B 53 13.57 9.01 1.63
N ARG B 54 13.58 7.72 1.86
CA ARG B 54 14.39 6.80 1.09
C ARG B 54 13.53 5.57 0.87
N VAL B 55 13.83 4.84 -0.19
CA VAL B 55 13.08 3.64 -0.51
C VAL B 55 14.02 2.45 -0.40
N VAL B 56 13.53 1.36 0.19
CA VAL B 56 14.34 0.16 0.30
C VAL B 56 13.61 -0.95 -0.45
N VAL B 57 14.29 -1.52 -1.45
CA VAL B 57 13.72 -2.61 -2.23
C VAL B 57 14.48 -3.87 -1.84
N GLY B 58 13.88 -5.03 -2.09
CA GLY B 58 14.52 -6.29 -1.73
C GLY B 58 14.63 -6.44 -0.22
N GLU B 59 13.70 -5.82 0.49
CA GLU B 59 13.67 -5.86 1.94
C GLU B 59 12.75 -6.96 2.48
N HIS B 60 13.17 -7.61 3.57
CA HIS B 60 12.34 -8.64 4.20
C HIS B 60 12.25 -8.41 5.71
N ASN B 61 13.40 -8.32 6.36
CA ASN B 61 13.43 -8.10 7.81
C ASN B 61 13.98 -6.70 8.11
N LEU B 62 13.14 -5.81 8.60
CA LEU B 62 13.58 -4.44 8.88
C LEU B 62 14.71 -4.32 9.91
N ASN B 63 14.90 -5.35 10.74
CA ASN B 63 15.93 -5.29 11.77
C ASN B 63 17.17 -6.18 11.56
N GLN B 64 17.29 -6.79 10.40
CA GLN B 64 18.44 -7.66 10.13
C GLN B 64 18.87 -7.60 8.68
N ASN B 65 20.16 -7.75 8.42
CA ASN B 65 20.66 -7.73 7.05
C ASN B 65 20.17 -8.99 6.32
N ASN B 66 19.47 -8.78 5.20
CA ASN B 66 18.97 -9.90 4.42
C ASN B 66 19.90 -10.23 3.25
N GLY B 67 20.82 -9.32 2.96
CA GLY B 67 21.76 -9.52 1.87
C GLY B 67 21.12 -9.39 0.51
N THR B 68 19.99 -8.70 0.46
CA THR B 68 19.26 -8.49 -0.79
C THR B 68 18.76 -7.06 -0.97
N GLU B 69 18.97 -6.23 0.05
CA GLU B 69 18.50 -4.85 0.01
C GLU B 69 19.25 -3.89 -0.90
N GLN B 70 18.50 -2.94 -1.43
CA GLN B 70 19.04 -1.86 -2.26
C GLN B 70 18.40 -0.61 -1.66
N TYR B 71 19.22 0.38 -1.34
CA TYR B 71 18.71 1.61 -0.75
C TYR B 71 18.86 2.74 -1.74
N VAL B 72 17.78 3.50 -1.93
CA VAL B 72 17.82 4.61 -2.87
C VAL B 72 17.03 5.81 -2.35
N GLY B 73 17.56 7.00 -2.58
CA GLY B 73 16.88 8.20 -2.14
C GLY B 73 15.72 8.57 -3.04
N VAL B 74 14.84 9.42 -2.54
CA VAL B 74 13.69 9.89 -3.31
C VAL B 74 14.07 11.23 -3.90
N GLN B 75 13.99 11.32 -5.22
CA GLN B 75 14.36 12.53 -5.96
C GLN B 75 13.21 13.51 -6.16
N LYS B 76 12.01 12.99 -6.39
CA LYS B 76 10.85 13.83 -6.60
C LYS B 76 9.59 13.14 -6.10
N ILE B 77 8.68 13.92 -5.53
CA ILE B 77 7.42 13.40 -5.03
C ILE B 77 6.27 14.09 -5.74
N VAL B 78 5.42 13.30 -6.40
CA VAL B 78 4.28 13.85 -7.10
C VAL B 78 3.01 13.30 -6.48
N VAL B 79 2.34 14.12 -5.69
CA VAL B 79 1.11 13.71 -5.03
C VAL B 79 -0.04 14.04 -5.97
N HIS B 80 -1.12 13.27 -5.89
CA HIS B 80 -2.25 13.55 -6.76
C HIS B 80 -2.73 14.98 -6.48
N PRO B 81 -2.99 15.76 -7.54
CA PRO B 81 -3.44 17.15 -7.45
C PRO B 81 -4.70 17.40 -6.61
N TYR B 82 -5.55 16.39 -6.49
CA TYR B 82 -6.79 16.53 -5.72
C TYR B 82 -6.69 16.08 -4.27
N TRP B 83 -5.53 15.55 -3.89
CA TRP B 83 -5.34 15.08 -2.52
C TRP B 83 -5.46 16.20 -1.50
N ASN B 84 -6.16 15.90 -0.40
CA ASN B 84 -6.36 16.85 0.70
C ASN B 84 -6.02 16.10 1.98
N THR B 85 -4.95 16.51 2.65
CA THR B 85 -4.49 15.87 3.87
C THR B 85 -5.54 15.69 4.96
N ASP B 86 -6.45 16.66 5.11
CA ASP B 86 -7.48 16.58 6.13
C ASP B 86 -8.81 16.03 5.62
N ASP B 87 -8.76 15.30 4.52
CA ASP B 87 -9.98 14.72 3.93
C ASP B 87 -9.62 13.39 3.28
N VAL B 88 -9.14 12.44 4.09
CA VAL B 88 -8.74 11.14 3.58
C VAL B 88 -9.91 10.42 2.91
N ALA B 89 -11.11 10.59 3.46
CA ALA B 89 -12.30 9.95 2.91
C ALA B 89 -12.68 10.42 1.51
N ALA B 90 -12.14 11.55 1.08
CA ALA B 90 -12.45 12.07 -0.25
C ALA B 90 -11.76 11.23 -1.32
N GLY B 91 -10.67 10.59 -0.94
CA GLY B 91 -9.92 9.77 -1.88
C GLY B 91 -8.66 10.45 -2.37
N TYR B 92 -8.21 10.05 -3.56
CA TYR B 92 -7.00 10.60 -4.17
C TYR B 92 -5.75 10.35 -3.33
N ASP B 93 -5.82 9.33 -2.47
CA ASP B 93 -4.68 9.01 -1.61
C ASP B 93 -3.67 8.18 -2.37
N ILE B 94 -2.93 8.85 -3.25
CA ILE B 94 -1.93 8.20 -4.07
C ILE B 94 -0.85 9.20 -4.46
N ALA B 95 0.38 8.72 -4.56
CA ALA B 95 1.50 9.56 -4.92
C ALA B 95 2.56 8.73 -5.61
N LEU B 96 3.35 9.37 -6.45
CA LEU B 96 4.42 8.68 -7.17
C LEU B 96 5.76 9.27 -6.74
N LEU B 97 6.74 8.40 -6.51
CA LEU B 97 8.07 8.84 -6.09
C LEU B 97 9.10 8.48 -7.15
N ARG B 98 9.83 9.48 -7.65
CA ARG B 98 10.87 9.17 -8.61
C ARG B 98 12.13 8.96 -7.80
N LEU B 99 12.77 7.82 -8.00
CA LEU B 99 13.98 7.47 -7.28
C LEU B 99 15.22 8.15 -7.86
N ALA B 100 16.17 8.45 -6.98
CA ALA B 100 17.41 9.11 -7.39
C ALA B 100 18.20 8.25 -8.38
N GLN B 101 18.02 6.94 -8.28
CA GLN B 101 18.70 5.99 -9.17
C GLN B 101 17.75 4.85 -9.52
N SER B 102 18.04 4.16 -10.62
CA SER B 102 17.22 3.03 -11.04
C SER B 102 17.72 1.77 -10.35
N VAL B 103 16.83 1.10 -9.63
CA VAL B 103 17.20 -0.12 -8.92
C VAL B 103 17.40 -1.28 -9.89
N THR B 104 18.12 -2.28 -9.42
CA THR B 104 18.41 -3.48 -10.21
C THR B 104 17.37 -4.55 -9.92
N LEU B 105 16.78 -5.10 -10.98
CA LEU B 105 15.77 -6.13 -10.82
C LEU B 105 16.37 -7.52 -10.66
N ASN B 106 15.75 -8.32 -9.81
CA ASN B 106 16.14 -9.70 -9.57
C ASN B 106 14.97 -10.42 -8.89
N SER B 107 15.20 -11.61 -8.35
CA SER B 107 14.12 -12.36 -7.71
C SER B 107 13.50 -11.65 -6.51
N TYR B 108 14.19 -10.67 -5.96
CA TYR B 108 13.69 -9.93 -4.80
C TYR B 108 13.22 -8.53 -5.14
N VAL B 109 13.50 -8.10 -6.36
CA VAL B 109 13.12 -6.76 -6.81
C VAL B 109 12.51 -6.83 -8.19
N GLN B 110 11.19 -6.68 -8.27
CA GLN B 110 10.46 -6.74 -9.53
C GLN B 110 9.41 -5.64 -9.59
N LEU B 111 8.98 -5.31 -10.80
CA LEU B 111 7.96 -4.29 -10.96
C LEU B 111 6.60 -4.88 -10.67
N GLY B 112 5.74 -4.11 -10.01
CA GLY B 112 4.40 -4.59 -9.71
C GLY B 112 3.54 -4.45 -10.95
N VAL B 113 2.68 -5.43 -11.19
CA VAL B 113 1.79 -5.41 -12.35
C VAL B 113 0.53 -4.66 -11.96
N LEU B 114 0.18 -3.64 -12.74
CA LEU B 114 -1.04 -2.88 -12.44
C LEU B 114 -2.17 -3.34 -13.34
N PRO B 115 -3.41 -3.28 -12.85
CA PRO B 115 -4.57 -3.70 -13.64
C PRO B 115 -4.89 -2.71 -14.75
N ARG B 116 -5.72 -3.12 -15.70
CA ARG B 116 -6.12 -2.25 -16.79
C ARG B 116 -7.06 -1.18 -16.23
N ALA B 117 -7.03 0.00 -16.81
CA ALA B 117 -7.87 1.10 -16.34
C ALA B 117 -9.34 0.70 -16.26
N GLY B 118 -9.99 1.09 -15.17
CA GLY B 118 -11.40 0.79 -15.00
C GLY B 118 -11.77 -0.57 -14.42
N THR B 119 -10.78 -1.45 -14.29
CA THR B 119 -11.04 -2.79 -13.78
C THR B 119 -11.60 -2.81 -12.37
N ILE B 120 -12.71 -3.52 -12.19
CA ILE B 120 -13.35 -3.66 -10.88
C ILE B 120 -13.42 -5.15 -10.56
N LEU B 121 -13.01 -5.51 -9.35
CA LEU B 121 -13.03 -6.90 -8.92
C LEU B 121 -14.39 -7.35 -8.42
N ARG B 122 -14.74 -8.61 -8.74
CA ARG B 122 -16.01 -9.16 -8.29
C ARG B 122 -15.94 -9.25 -6.77
N ASN B 123 -17.10 -9.23 -6.12
CA ASN B 123 -17.14 -9.32 -4.67
C ASN B 123 -16.45 -10.60 -4.22
N ASN B 124 -15.76 -10.50 -3.08
CA ASN B 124 -15.07 -11.64 -2.49
C ASN B 124 -13.91 -12.17 -3.34
N SER B 125 -13.25 -11.29 -4.09
CA SER B 125 -12.11 -11.71 -4.91
C SER B 125 -10.89 -11.95 -4.03
N PRO B 126 -10.09 -12.97 -4.35
CA PRO B 126 -8.89 -13.28 -3.56
C PRO B 126 -7.78 -12.25 -3.69
N CYS B 127 -7.37 -11.70 -2.54
CA CYS B 127 -6.29 -10.73 -2.49
C CYS B 127 -5.50 -10.88 -1.21
N TYR B 128 -4.28 -10.36 -1.23
CA TYR B 128 -3.41 -10.38 -0.07
C TYR B 128 -2.86 -8.99 0.18
N ILE B 129 -2.89 -8.55 1.43
CA ILE B 129 -2.30 -7.27 1.75
C ILE B 129 -0.94 -7.65 2.31
N THR B 130 0.08 -6.83 2.05
CA THR B 130 1.42 -7.11 2.57
C THR B 130 2.00 -5.86 3.20
N GLY B 131 2.87 -6.05 4.19
CA GLY B 131 3.48 -4.90 4.84
C GLY B 131 4.13 -5.19 6.17
N TRP B 132 4.82 -4.18 6.70
CA TRP B 132 5.51 -4.27 7.98
C TRP B 132 4.75 -3.48 9.05
N GLY B 133 3.50 -3.16 8.75
CA GLY B 133 2.69 -2.38 9.69
C GLY B 133 2.42 -3.06 11.02
N LEU B 134 1.81 -2.32 11.95
CA LEU B 134 1.49 -2.86 13.28
C LEU B 134 0.78 -4.20 13.18
N THR B 135 1.11 -5.11 14.09
CA THR B 135 0.52 -6.44 14.09
C THR B 135 -0.74 -6.51 14.97
N ARG B 136 -1.03 -5.40 15.63
CA ARG B 136 -2.21 -5.27 16.47
C ARG B 136 -2.54 -3.79 16.55
N THR B 137 -3.82 -3.47 16.77
CA THR B 137 -4.22 -2.08 16.89
C THR B 137 -3.41 -1.48 18.04
N ASN B 138 -2.80 -0.32 17.78
CA ASN B 138 -1.96 0.36 18.77
C ASN B 138 -0.82 -0.52 19.25
N GLY B 139 -0.36 -1.40 18.35
CA GLY B 139 0.74 -2.29 18.67
C GLY B 139 2.05 -1.79 18.08
N GLN B 140 2.87 -2.70 17.58
CA GLN B 140 4.13 -2.29 16.99
C GLN B 140 4.38 -2.92 15.63
N LEU B 141 5.27 -2.30 14.88
CA LEU B 141 5.62 -2.78 13.54
C LEU B 141 6.16 -4.19 13.55
N ALA B 142 5.95 -4.89 12.44
CA ALA B 142 6.46 -6.24 12.29
C ALA B 142 7.93 -6.13 11.88
N GLN B 143 8.73 -7.13 12.22
CA GLN B 143 10.14 -7.10 11.83
C GLN B 143 10.24 -7.68 10.43
N THR B 144 9.48 -8.74 10.18
CA THR B 144 9.49 -9.40 8.87
C THR B 144 8.22 -9.09 8.11
N LEU B 145 8.32 -9.02 6.78
CA LEU B 145 7.16 -8.72 5.94
C LEU B 145 6.01 -9.69 6.23
N GLN B 146 4.83 -9.14 6.42
CA GLN B 146 3.64 -9.93 6.71
C GLN B 146 2.65 -9.89 5.55
N GLN B 147 1.82 -10.92 5.47
CA GLN B 147 0.79 -10.97 4.44
C GLN B 147 -0.48 -11.49 5.09
N ALA B 148 -1.62 -11.00 4.61
CA ALA B 148 -2.90 -11.44 5.14
C ALA B 148 -3.90 -11.56 4.00
N TYR B 149 -4.67 -12.64 4.02
CA TYR B 149 -5.67 -12.90 3.00
C TYR B 149 -6.88 -12.01 3.29
N LEU B 150 -7.15 -11.08 2.38
CA LEU B 150 -8.27 -10.15 2.53
C LEU B 150 -9.15 -10.12 1.29
N PRO B 151 -10.22 -10.93 1.27
CA PRO B 151 -11.12 -10.96 0.11
C PRO B 151 -11.79 -9.60 -0.07
N THR B 152 -12.01 -9.18 -1.31
CA THR B 152 -12.64 -7.89 -1.54
C THR B 152 -14.10 -7.86 -1.11
N VAL B 153 -14.58 -6.65 -0.83
CA VAL B 153 -15.95 -6.38 -0.47
C VAL B 153 -16.33 -5.33 -1.50
N ASP B 154 -17.19 -5.67 -2.45
CA ASP B 154 -17.55 -4.72 -3.49
C ASP B 154 -18.14 -3.41 -2.97
N TYR B 155 -18.09 -2.40 -3.83
CA TYR B 155 -18.60 -1.07 -3.50
C TYR B 155 -20.02 -1.07 -2.93
N ALA B 156 -20.91 -1.79 -3.60
CA ALA B 156 -22.31 -1.86 -3.15
C ALA B 156 -22.42 -2.27 -1.68
N ILE B 157 -21.69 -3.30 -1.29
CA ILE B 157 -21.72 -3.78 0.08
C ILE B 157 -20.90 -2.89 1.01
N CYS B 158 -19.70 -2.53 0.57
CA CYS B 158 -18.82 -1.70 1.38
C CYS B 158 -19.40 -0.33 1.72
N SER B 159 -20.19 0.22 0.80
CA SER B 159 -20.79 1.52 1.00
C SER B 159 -22.16 1.46 1.68
N SER B 160 -22.56 0.26 2.13
CA SER B 160 -23.84 0.12 2.82
C SER B 160 -23.70 0.61 4.26
N SER B 161 -24.83 0.91 4.90
CA SER B 161 -24.83 1.41 6.26
C SER B 161 -24.11 0.54 7.30
N SER B 162 -24.23 -0.77 7.18
CA SER B 162 -23.58 -1.67 8.14
C SER B 162 -22.06 -1.66 8.00
N TYR B 163 -21.56 -1.25 6.84
CA TYR B 163 -20.13 -1.21 6.62
C TYR B 163 -19.56 0.21 6.71
N TRP B 164 -19.05 0.74 5.61
CA TRP B 164 -18.47 2.07 5.61
C TRP B 164 -19.40 3.21 5.20
N GLY B 165 -20.59 2.89 4.70
CA GLY B 165 -21.50 3.93 4.29
C GLY B 165 -20.89 4.82 3.21
N SER B 166 -21.22 6.10 3.24
CA SER B 166 -20.71 7.05 2.26
C SER B 166 -19.24 7.39 2.44
N THR B 167 -18.63 6.87 3.50
CA THR B 167 -17.22 7.13 3.75
C THR B 167 -16.36 6.58 2.61
N VAL B 168 -16.77 5.44 2.07
CA VAL B 168 -16.05 4.82 0.96
C VAL B 168 -16.57 5.35 -0.37
N LYS B 169 -15.64 5.60 -1.30
CA LYS B 169 -15.96 6.11 -2.62
C LYS B 169 -15.67 5.01 -3.64
N ASN B 170 -16.21 5.17 -4.84
CA ASN B 170 -16.01 4.18 -5.90
C ASN B 170 -14.57 4.16 -6.38
N SER B 171 -13.81 5.18 -6.00
CA SER B 171 -12.40 5.28 -6.38
C SER B 171 -11.55 4.48 -5.40
N MET B 172 -12.21 3.70 -4.56
CA MET B 172 -11.53 2.89 -3.56
C MET B 172 -11.92 1.42 -3.65
N VAL B 173 -11.08 0.57 -3.06
CA VAL B 173 -11.31 -0.86 -3.01
C VAL B 173 -11.31 -1.23 -1.52
N CYS B 174 -12.30 -2.03 -1.11
CA CYS B 174 -12.38 -2.48 0.28
C CYS B 174 -12.02 -3.95 0.29
N ALA B 175 -11.29 -4.37 1.33
CA ALA B 175 -10.93 -5.77 1.43
C ALA B 175 -10.84 -6.18 2.88
N GLY B 176 -11.33 -7.39 3.17
CA GLY B 176 -11.28 -7.90 4.54
C GLY B 176 -12.50 -7.58 5.37
N GLY B 177 -12.26 -7.11 6.59
CA GLY B 177 -13.36 -6.77 7.48
C GLY B 177 -13.90 -7.95 8.26
N ASP B 178 -13.11 -9.01 8.42
CA ASP B 178 -13.58 -10.18 9.17
C ASP B 178 -13.37 -10.04 10.67
N GLY B 179 -12.76 -8.93 11.08
CA GLY B 179 -12.52 -8.68 12.49
C GLY B 179 -11.25 -9.29 13.06
N VAL B 180 -10.55 -10.06 12.25
CA VAL B 180 -9.32 -10.71 12.68
C VAL B 180 -8.10 -10.23 11.89
N ARG B 181 -8.27 -10.12 10.58
CA ARG B 181 -7.19 -9.70 9.68
C ARG B 181 -7.43 -8.32 9.07
N SER B 182 -6.36 -7.55 8.93
CA SER B 182 -6.49 -6.21 8.36
C SER B 182 -5.13 -5.55 8.20
N GLY B 183 -5.15 -4.38 7.56
CA GLY B 183 -3.91 -3.62 7.43
C GLY B 183 -3.90 -2.79 8.70
N CYS B 184 -2.80 -2.11 8.99
CA CYS B 184 -2.72 -1.28 10.19
C CYS B 184 -1.60 -0.26 9.96
N GLN B 185 -1.45 0.69 10.88
CA GLN B 185 -0.41 1.71 10.73
C GLN B 185 0.92 1.13 10.28
N GLY B 186 1.50 1.73 9.25
CA GLY B 186 2.76 1.26 8.74
C GLY B 186 2.60 0.47 7.44
N ASP B 187 1.37 0.06 7.15
CA ASP B 187 1.07 -0.68 5.92
C ASP B 187 0.63 0.27 4.82
N SER B 188 0.22 1.48 5.20
CA SER B 188 -0.25 2.49 4.25
C SER B 188 0.72 2.65 3.09
N GLY B 189 0.16 2.89 1.91
CA GLY B 189 0.97 3.07 0.71
C GLY B 189 1.36 1.77 0.04
N GLY B 190 1.28 0.68 0.80
CA GLY B 190 1.63 -0.63 0.29
C GLY B 190 0.59 -1.20 -0.66
N PRO B 191 0.88 -2.36 -1.25
CA PRO B 191 0.00 -3.03 -2.20
C PRO B 191 -1.07 -3.97 -1.64
N LEU B 192 -2.11 -4.15 -2.44
CA LEU B 192 -3.17 -5.11 -2.19
C LEU B 192 -2.98 -5.91 -3.48
N HIS B 193 -2.50 -7.13 -3.35
CA HIS B 193 -2.25 -8.00 -4.50
C HIS B 193 -3.46 -8.89 -4.72
N CYS B 194 -4.05 -8.83 -5.91
CA CYS B 194 -5.21 -9.66 -6.18
C CYS B 194 -4.96 -10.57 -7.37
N LEU B 195 -5.38 -11.83 -7.22
CA LEU B 195 -5.20 -12.84 -8.26
C LEU B 195 -6.29 -12.75 -9.32
N VAL B 196 -5.89 -12.41 -10.54
CA VAL B 196 -6.83 -12.28 -11.65
C VAL B 196 -6.23 -12.94 -12.88
N ASN B 197 -6.94 -13.91 -13.44
CA ASN B 197 -6.48 -14.61 -14.64
C ASN B 197 -5.14 -15.29 -14.38
N GLY B 198 -4.98 -15.84 -13.17
CA GLY B 198 -3.77 -16.54 -12.81
C GLY B 198 -2.55 -15.68 -12.50
N GLN B 199 -2.72 -14.38 -12.50
CA GLN B 199 -1.62 -13.46 -12.25
C GLN B 199 -1.97 -12.46 -11.15
N TYR B 200 -1.03 -12.20 -10.24
CA TYR B 200 -1.29 -11.23 -9.20
C TYR B 200 -1.01 -9.83 -9.73
N ALA B 201 -1.92 -8.90 -9.48
CA ALA B 201 -1.76 -7.53 -9.90
C ALA B 201 -2.06 -6.65 -8.70
N VAL B 202 -1.45 -5.47 -8.65
CA VAL B 202 -1.66 -4.57 -7.53
C VAL B 202 -2.89 -3.70 -7.79
N HIS B 203 -4.00 -4.09 -7.16
CA HIS B 203 -5.27 -3.37 -7.35
C HIS B 203 -5.51 -2.25 -6.35
N GLY B 204 -4.77 -2.25 -5.25
CA GLY B 204 -4.97 -1.20 -4.28
C GLY B 204 -3.73 -0.66 -3.61
N VAL B 205 -3.85 0.56 -3.10
CA VAL B 205 -2.79 1.24 -2.36
C VAL B 205 -3.42 1.43 -0.98
N THR B 206 -2.86 0.78 0.03
CA THR B 206 -3.43 0.85 1.38
C THR B 206 -3.62 2.26 1.87
N SER B 207 -4.85 2.60 2.24
CA SER B 207 -5.16 3.96 2.68
C SER B 207 -5.61 4.14 4.13
N PHE B 208 -6.73 3.55 4.51
CA PHE B 208 -7.20 3.74 5.89
C PHE B 208 -8.03 2.61 6.52
N VAL B 209 -8.22 2.74 7.83
CA VAL B 209 -9.01 1.78 8.61
C VAL B 209 -9.96 2.56 9.52
N SER B 210 -10.74 1.83 10.32
CA SER B 210 -11.70 2.43 11.23
C SER B 210 -11.08 3.12 12.43
N ARG B 211 -11.81 4.08 12.99
CA ARG B 211 -11.36 4.82 14.16
C ARG B 211 -11.43 3.88 15.36
N LEU B 212 -12.25 2.84 15.24
CA LEU B 212 -12.43 1.87 16.30
C LEU B 212 -11.26 0.91 16.40
N GLY B 213 -10.49 0.80 15.33
CA GLY B 213 -9.35 -0.09 15.34
C GLY B 213 -9.00 -0.58 13.95
N CYS B 214 -7.89 -1.29 13.84
CA CYS B 214 -7.45 -1.82 12.56
C CYS B 214 -8.33 -2.97 12.11
N ASN B 215 -8.44 -4.01 12.93
CA ASN B 215 -9.25 -5.17 12.60
C ASN B 215 -10.62 -5.03 13.27
N VAL B 216 -11.58 -4.54 12.51
CA VAL B 216 -12.94 -4.35 13.01
C VAL B 216 -13.94 -5.00 12.05
N THR B 217 -14.82 -5.82 12.60
CA THR B 217 -15.81 -6.50 11.78
C THR B 217 -16.66 -5.50 11.00
N ARG B 218 -16.83 -5.78 9.72
CA ARG B 218 -17.61 -4.93 8.81
C ARG B 218 -17.01 -3.56 8.55
N LYS B 219 -15.70 -3.44 8.82
CA LYS B 219 -14.96 -2.21 8.57
C LYS B 219 -13.70 -2.67 7.85
N PRO B 220 -13.86 -3.20 6.63
CA PRO B 220 -12.71 -3.67 5.86
C PRO B 220 -11.65 -2.61 5.65
N THR B 221 -10.42 -3.04 5.41
CA THR B 221 -9.35 -2.09 5.16
C THR B 221 -9.70 -1.42 3.83
N VAL B 222 -9.44 -0.11 3.73
CA VAL B 222 -9.75 0.62 2.52
C VAL B 222 -8.50 1.02 1.75
N PHE B 223 -8.53 0.79 0.45
CA PHE B 223 -7.40 1.07 -0.43
C PHE B 223 -7.80 1.99 -1.58
N THR B 224 -6.82 2.73 -2.09
CA THR B 224 -7.07 3.58 -3.25
C THR B 224 -7.14 2.59 -4.40
N ARG B 225 -8.16 2.71 -5.26
CA ARG B 225 -8.28 1.78 -6.39
C ARG B 225 -7.33 2.18 -7.51
N VAL B 226 -6.27 1.39 -7.68
CA VAL B 226 -5.26 1.66 -8.68
C VAL B 226 -5.80 1.83 -10.10
N SER B 227 -6.76 0.99 -10.48
CA SER B 227 -7.32 1.05 -11.83
C SER B 227 -8.05 2.35 -12.16
N ALA B 228 -8.30 3.16 -11.14
CA ALA B 228 -8.97 4.43 -11.36
C ALA B 228 -7.96 5.53 -11.65
N TYR B 229 -6.68 5.20 -11.50
CA TYR B 229 -5.60 6.18 -11.70
C TYR B 229 -4.57 5.84 -12.76
N ILE B 230 -4.85 4.85 -13.59
CA ILE B 230 -3.89 4.45 -14.63
C ILE B 230 -3.46 5.60 -15.53
N SER B 231 -4.41 6.41 -15.99
CA SER B 231 -4.09 7.54 -16.85
C SER B 231 -3.20 8.53 -16.12
N TRP B 232 -3.57 8.86 -14.89
CA TRP B 232 -2.80 9.80 -14.09
C TRP B 232 -1.37 9.30 -13.93
N ILE B 233 -1.25 8.04 -13.53
CA ILE B 233 0.06 7.42 -13.33
C ILE B 233 0.92 7.52 -14.60
N ASN B 234 0.36 7.13 -15.74
CA ASN B 234 1.11 7.19 -16.99
C ASN B 234 1.48 8.62 -17.36
N ASN B 235 0.57 9.56 -17.10
CA ASN B 235 0.80 10.97 -17.40
C ASN B 235 1.99 11.50 -16.60
N VAL B 236 2.05 11.16 -15.32
CA VAL B 236 3.13 11.62 -14.46
C VAL B 236 4.48 11.06 -14.88
N ILE B 237 4.54 9.75 -15.10
CA ILE B 237 5.78 9.10 -15.48
C ILE B 237 6.30 9.61 -16.83
N ALA B 238 5.40 9.80 -17.78
CA ALA B 238 5.77 10.26 -19.10
C ALA B 238 6.27 11.71 -19.13
N SER B 239 5.84 12.51 -18.16
CA SER B 239 6.26 13.90 -18.10
C SER B 239 7.38 14.19 -17.10
N ASN B 240 7.89 13.13 -16.46
CA ASN B 240 8.97 13.30 -15.50
C ASN B 240 10.10 12.30 -15.73
CA CA C . 16.84 -6.13 6.11
S SO4 D . 0.58 -9.08 22.74
O1 SO4 D . 2.02 -9.44 22.75
O2 SO4 D . -0.24 -10.26 23.06
O3 SO4 D . 0.22 -8.58 21.40
O4 SO4 D . 0.32 -8.02 23.74
#